data_4Y32
#
_entry.id   4Y32
#
_cell.length_a   63.062
_cell.length_b   70.283
_cell.length_c   128.778
_cell.angle_alpha   90.000
_cell.angle_beta   90.000
_cell.angle_gamma   90.000
#
_symmetry.space_group_name_H-M   'P 21 21 21'
#
loop_
_entity.id
_entity.type
_entity.pdbx_description
1 polymer '14-3-3 protein sigma'
2 polymer ARG-THR-PRO-SEP-LEU-PRO-CNC(C(C)O)C(=O)N1CCCC1CCOC
3 non-polymer (2S)-2-(2-methoxyethyl)pyrrolidine
4 water water
#
loop_
_entity_poly.entity_id
_entity_poly.type
_entity_poly.pdbx_seq_one_letter_code
_entity_poly.pdbx_strand_id
1 'polypeptide(L)'
;GAMGSMERASLIQKAKLAEQAERYEDMAAFMKGAVEKGEELSCEERNLLSVAYKNVVGGQRAAWRVLSSIEQKSNEEGSE
EKGPEVREYREKVETELQGVCDTVLGLLDSHLIKEAGDAESRVFYLKMKGDYYRYLAEVATGDDKKRIIDSARSAYQEAM
DISKKEMPPTNPIRLGLALNFSVFHYEIANSPEEAISLAKTTFDEAMADLHTLSEDSYKDSTLIMQLLRDNLTLWT
;
A,B
2 'polypeptide(L)' RTP(SEP)LPT C,D
#
# COMPACT_ATOMS: atom_id res chain seq x y z
N GLY A 1 -5.59 11.28 -16.88
CA GLY A 1 -4.53 12.15 -16.29
C GLY A 1 -4.02 13.07 -17.36
N ALA A 2 -3.24 14.08 -16.93
CA ALA A 2 -2.76 15.16 -17.80
C ALA A 2 -1.89 14.68 -18.95
N MET A 3 -1.36 13.44 -18.89
CA MET A 3 -0.47 12.96 -20.00
C MET A 3 -1.20 12.02 -20.98
N GLY A 4 -2.48 11.77 -20.71
CA GLY A 4 -3.25 10.76 -21.43
C GLY A 4 -3.38 11.05 -22.91
N SER A 5 -3.37 12.36 -23.28
CA SER A 5 -3.57 12.67 -24.73
CA SER A 5 -3.56 12.73 -24.67
C SER A 5 -2.25 12.80 -25.45
N MET A 6 -1.10 12.61 -24.75
CA MET A 6 0.18 12.79 -25.43
C MET A 6 0.73 11.49 -25.95
N GLU A 7 1.37 11.55 -27.10
CA GLU A 7 1.99 10.32 -27.67
C GLU A 7 3.08 9.79 -26.77
N ARG A 8 3.16 8.46 -26.70
CA ARG A 8 4.30 7.87 -25.93
C ARG A 8 5.64 8.41 -26.35
N ALA A 9 5.93 8.54 -27.67
CA ALA A 9 7.26 8.98 -28.10
C ALA A 9 7.52 10.41 -27.69
N SER A 10 6.45 11.21 -27.62
CA SER A 10 6.61 12.58 -27.22
C SER A 10 6.86 12.71 -25.71
N LEU A 11 6.26 11.83 -24.93
CA LEU A 11 6.53 11.75 -23.49
C LEU A 11 7.99 11.41 -23.25
N ILE A 12 8.53 10.45 -23.99
CA ILE A 12 9.94 10.07 -23.79
CA ILE A 12 9.94 10.08 -23.75
C ILE A 12 10.87 11.21 -24.21
N GLN A 13 10.54 11.85 -25.35
CA GLN A 13 11.34 12.98 -25.84
C GLN A 13 11.38 14.11 -24.80
N LYS A 14 10.22 14.39 -24.23
CA LYS A 14 10.15 15.41 -23.24
C LYS A 14 10.80 15.04 -21.91
N ALA A 15 10.75 13.75 -21.54
CA ALA A 15 11.58 13.35 -20.39
C ALA A 15 13.07 13.63 -20.59
N LYS A 16 13.57 13.41 -21.81
CA LYS A 16 14.96 13.67 -22.09
C LYS A 16 15.28 15.17 -22.02
N LEU A 17 14.34 16.02 -22.50
CA LEU A 17 14.56 17.52 -22.45
C LEU A 17 14.51 17.94 -20.97
N ALA A 18 13.59 17.34 -20.20
CA ALA A 18 13.47 17.73 -18.80
C ALA A 18 14.81 17.38 -18.02
N GLU A 19 15.40 16.22 -18.34
CA GLU A 19 16.68 15.81 -17.79
C GLU A 19 17.74 16.85 -18.12
N GLN A 20 17.78 17.31 -19.37
CA GLN A 20 18.81 18.31 -19.76
CA GLN A 20 18.78 18.30 -19.77
C GLN A 20 18.61 19.61 -19.03
N ALA A 21 17.36 19.98 -18.75
CA ALA A 21 17.03 21.18 -17.97
C ALA A 21 17.06 21.00 -16.41
N GLU A 22 17.39 19.78 -15.97
CA GLU A 22 17.39 19.41 -14.57
C GLU A 22 16.01 19.69 -13.90
N ARG A 23 14.95 19.41 -14.61
CA ARG A 23 13.55 19.53 -14.17
C ARG A 23 13.07 18.14 -13.89
N TYR A 24 13.49 17.59 -12.74
CA TYR A 24 13.27 16.15 -12.52
C TYR A 24 11.84 15.85 -12.16
N GLU A 25 11.11 16.74 -11.45
CA GLU A 25 9.67 16.57 -11.27
CA GLU A 25 9.67 16.54 -11.27
C GLU A 25 8.94 16.36 -12.62
N ASP A 26 9.22 17.26 -13.58
CA ASP A 26 8.59 17.16 -14.92
C ASP A 26 9.03 15.82 -15.56
N MET A 27 10.32 15.52 -15.39
CA MET A 27 10.87 14.28 -16.00
C MET A 27 10.08 13.04 -15.55
N ALA A 28 9.89 12.98 -14.23
CA ALA A 28 9.14 11.90 -13.59
C ALA A 28 7.75 11.82 -14.10
N ALA A 29 7.08 12.98 -14.20
CA ALA A 29 5.70 12.97 -14.67
C ALA A 29 5.57 12.51 -16.12
N PHE A 30 6.53 12.87 -16.94
CA PHE A 30 6.55 12.42 -18.36
C PHE A 30 6.83 10.92 -18.43
N MET A 31 7.77 10.42 -17.59
CA MET A 31 8.02 8.97 -17.55
C MET A 31 6.84 8.18 -17.00
N LYS A 32 6.13 8.74 -16.04
CA LYS A 32 4.97 8.05 -15.54
C LYS A 32 3.88 7.95 -16.64
N GLY A 33 3.70 9.04 -17.37
CA GLY A 33 2.80 8.99 -18.53
C GLY A 33 3.15 7.93 -19.54
N ALA A 34 4.46 7.84 -19.83
CA ALA A 34 4.94 6.86 -20.79
C ALA A 34 4.65 5.42 -20.26
N VAL A 35 4.90 5.16 -18.96
CA VAL A 35 4.63 3.83 -18.42
C VAL A 35 3.14 3.48 -18.52
N GLU A 36 2.27 4.50 -18.32
CA GLU A 36 0.83 4.28 -18.43
C GLU A 36 0.26 3.97 -19.83
N LYS A 37 1.08 4.12 -20.89
CA LYS A 37 0.68 3.67 -22.20
C LYS A 37 0.61 2.15 -22.28
N GLY A 38 1.24 1.47 -21.33
CA GLY A 38 1.07 0.03 -21.23
C GLY A 38 2.03 -0.79 -22.06
N GLU A 39 3.04 -0.17 -22.65
CA GLU A 39 4.08 -0.93 -23.39
C GLU A 39 5.30 -1.16 -22.44
N GLU A 40 6.09 -2.21 -22.66
CA GLU A 40 7.26 -2.46 -21.81
C GLU A 40 8.22 -1.33 -22.06
N LEU A 41 9.00 -0.94 -21.05
CA LEU A 41 10.06 0.08 -21.26
C LEU A 41 11.33 -0.56 -21.78
N SER A 42 12.00 0.13 -22.67
CA SER A 42 13.33 -0.35 -23.10
C SER A 42 14.37 -0.12 -22.03
N CYS A 43 15.60 -0.67 -22.22
CA CYS A 43 16.69 -0.44 -21.29
C CYS A 43 16.87 1.08 -21.01
N GLU A 44 16.96 1.85 -22.11
CA GLU A 44 17.20 3.28 -21.97
C GLU A 44 16.05 3.96 -21.25
N GLU A 45 14.84 3.50 -21.51
CA GLU A 45 13.67 4.14 -20.89
C GLU A 45 13.59 3.75 -19.38
N ARG A 46 13.99 2.52 -19.02
CA ARG A 46 14.05 2.20 -17.54
C ARG A 46 15.06 3.12 -16.86
N ASN A 47 16.17 3.45 -17.52
CA ASN A 47 17.14 4.33 -16.84
C ASN A 47 16.53 5.75 -16.71
N LEU A 48 15.76 6.24 -17.70
CA LEU A 48 15.13 7.52 -17.55
C LEU A 48 14.15 7.55 -16.37
N LEU A 49 13.30 6.53 -16.29
CA LEU A 49 12.38 6.43 -15.13
C LEU A 49 13.11 6.47 -13.83
N SER A 50 14.19 5.70 -13.71
CA SER A 50 14.96 5.63 -12.48
C SER A 50 15.58 6.96 -12.13
N VAL A 51 16.23 7.60 -13.12
CA VAL A 51 16.97 8.88 -12.82
C VAL A 51 15.95 9.91 -12.35
N ALA A 52 14.77 9.93 -13.00
CA ALA A 52 13.76 10.96 -12.71
C ALA A 52 13.35 10.86 -11.24
N TYR A 53 12.89 9.66 -10.85
CA TYR A 53 12.35 9.50 -9.48
C TYR A 53 13.47 9.55 -8.42
N LYS A 54 14.67 9.10 -8.77
CA LYS A 54 15.81 9.13 -7.81
C LYS A 54 16.09 10.56 -7.44
N ASN A 55 16.02 11.48 -8.43
CA ASN A 55 16.30 12.88 -8.14
C ASN A 55 15.15 13.54 -7.35
N VAL A 56 13.95 13.16 -7.65
CA VAL A 56 12.80 13.71 -6.93
C VAL A 56 12.89 13.26 -5.47
N VAL A 57 12.92 11.92 -5.27
CA VAL A 57 12.95 11.45 -3.87
CA VAL A 57 12.95 11.42 -3.86
C VAL A 57 14.24 11.84 -3.17
N GLY A 58 15.36 12.01 -3.94
CA GLY A 58 16.70 12.44 -3.37
C GLY A 58 16.54 13.77 -2.62
N GLY A 59 15.88 14.70 -3.30
CA GLY A 59 15.69 16.05 -2.77
C GLY A 59 14.85 15.98 -1.50
N GLN A 60 13.80 15.17 -1.55
CA GLN A 60 12.87 14.99 -0.41
CA GLN A 60 12.92 15.06 -0.39
C GLN A 60 13.56 14.38 0.78
N ARG A 61 14.33 13.32 0.52
CA ARG A 61 15.12 12.66 1.58
C ARG A 61 16.11 13.63 2.22
N ALA A 62 16.79 14.43 1.44
CA ALA A 62 17.80 15.36 1.97
C ALA A 62 17.09 16.39 2.85
N ALA A 63 15.94 16.87 2.35
CA ALA A 63 15.23 17.90 3.15
C ALA A 63 14.69 17.26 4.45
N TRP A 64 14.14 16.05 4.37
CA TRP A 64 13.62 15.38 5.56
C TRP A 64 14.73 15.16 6.59
N ARG A 65 15.92 14.78 6.14
CA ARG A 65 17.06 14.64 7.08
CA ARG A 65 17.05 14.63 7.08
C ARG A 65 17.41 15.93 7.78
N VAL A 66 17.41 17.02 7.02
CA VAL A 66 17.72 18.36 7.60
C VAL A 66 16.70 18.66 8.68
N LEU A 67 15.40 18.50 8.37
CA LEU A 67 14.32 18.93 9.30
C LEU A 67 14.27 18.01 10.52
N SER A 68 14.53 16.72 10.28
CA SER A 68 14.50 15.72 11.35
CA SER A 68 14.52 15.74 11.36
C SER A 68 15.61 16.02 12.37
N SER A 69 16.76 16.44 11.87
CA SER A 69 17.88 16.78 12.71
C SER A 69 17.55 18.01 13.57
N ILE A 70 16.93 19.01 12.94
CA ILE A 70 16.46 20.24 13.70
C ILE A 70 15.46 19.83 14.76
N GLU A 71 14.55 18.93 14.40
CA GLU A 71 13.48 18.49 15.28
C GLU A 71 14.06 17.75 16.48
N GLN A 72 15.05 16.90 16.25
CA GLN A 72 15.63 16.15 17.40
C GLN A 72 16.38 17.09 18.31
N LYS A 73 17.08 18.06 17.74
CA LYS A 73 17.78 19.07 18.57
C LYS A 73 16.82 19.91 19.41
N SER A 74 15.63 20.17 18.89
CA SER A 74 14.65 21.00 19.59
C SER A 74 14.00 20.18 20.70
N ASN A 75 13.86 18.88 20.49
CA ASN A 75 13.34 17.98 21.51
C ASN A 75 14.41 17.56 22.53
N GLU A 76 15.60 18.18 22.46
CA GLU A 76 16.74 17.86 23.34
C GLU A 76 16.56 18.20 24.81
N GLU A 77 17.49 17.69 25.61
CA GLU A 77 17.44 17.79 27.07
C GLU A 77 18.07 19.08 27.60
N GLY A 78 17.21 20.03 27.96
CA GLY A 78 17.62 21.36 28.44
C GLY A 78 17.20 22.48 27.49
N SER A 79 16.18 22.19 26.67
CA SER A 79 15.77 23.09 25.58
C SER A 79 14.47 23.84 25.87
N GLU A 80 14.35 25.04 25.28
CA GLU A 80 13.11 25.81 25.34
C GLU A 80 12.17 25.38 24.21
N GLU A 81 10.88 25.61 24.39
CA GLU A 81 9.87 25.26 23.36
C GLU A 81 9.84 26.27 22.19
N LYS A 82 9.35 25.80 21.03
CA LYS A 82 9.15 26.67 19.87
C LYS A 82 7.79 26.50 19.19
N GLY A 83 6.95 25.64 19.76
CA GLY A 83 5.63 25.36 19.20
C GLY A 83 5.71 24.19 18.22
N PRO A 84 4.61 23.92 17.53
CA PRO A 84 4.53 22.73 16.73
C PRO A 84 5.19 22.86 15.34
N GLU A 85 5.83 24.01 15.02
CA GLU A 85 6.13 24.33 13.57
C GLU A 85 7.16 23.37 12.99
N VAL A 86 8.23 23.04 13.71
CA VAL A 86 9.28 22.15 13.10
C VAL A 86 8.67 20.78 12.88
N ARG A 87 7.92 20.24 13.87
CA ARG A 87 7.23 18.94 13.63
C ARG A 87 6.24 19.00 12.46
N GLU A 88 5.45 20.08 12.37
CA GLU A 88 4.47 20.15 11.32
C GLU A 88 5.19 20.14 9.91
N TYR A 89 6.28 20.92 9.79
CA TYR A 89 6.93 21.06 8.44
C TYR A 89 7.65 19.71 8.12
N ARG A 90 8.23 19.08 9.13
CA ARG A 90 8.84 17.76 8.90
C ARG A 90 7.80 16.79 8.45
N GLU A 91 6.64 16.79 9.10
CA GLU A 91 5.57 15.93 8.67
C GLU A 91 5.14 16.23 7.26
N LYS A 92 5.08 17.52 6.87
CA LYS A 92 4.64 17.87 5.51
C LYS A 92 5.61 17.24 4.49
N VAL A 93 6.89 17.40 4.76
CA VAL A 93 7.90 16.88 3.82
C VAL A 93 7.80 15.36 3.80
N GLU A 94 7.74 14.77 4.98
CA GLU A 94 7.63 13.32 5.05
C GLU A 94 6.41 12.76 4.25
N THR A 95 5.22 13.39 4.34
CA THR A 95 4.07 12.97 3.62
CA THR A 95 4.05 12.94 3.57
C THR A 95 4.26 13.06 2.08
N GLU A 96 4.93 14.13 1.65
CA GLU A 96 5.24 14.33 0.26
CA GLU A 96 5.24 14.33 0.24
C GLU A 96 6.18 13.19 -0.22
N LEU A 97 7.20 12.92 0.59
CA LEU A 97 8.13 11.82 0.27
CA LEU A 97 8.15 11.83 0.30
C LEU A 97 7.40 10.47 0.20
N GLN A 98 6.55 10.17 1.19
CA GLN A 98 5.77 8.92 1.13
C GLN A 98 4.91 8.84 -0.12
N GLY A 99 4.29 9.97 -0.47
CA GLY A 99 3.54 10.02 -1.66
C GLY A 99 4.32 9.63 -2.92
N VAL A 100 5.53 10.16 -3.07
CA VAL A 100 6.36 9.86 -4.27
C VAL A 100 6.76 8.37 -4.22
N CYS A 101 7.12 7.87 -3.06
CA CYS A 101 7.43 6.42 -2.96
C CYS A 101 6.22 5.56 -3.31
N ASP A 102 5.04 5.90 -2.81
CA ASP A 102 3.85 5.18 -3.16
C ASP A 102 3.54 5.27 -4.69
N THR A 103 3.74 6.43 -5.31
CA THR A 103 3.65 6.57 -6.79
C THR A 103 4.54 5.55 -7.51
N VAL A 104 5.80 5.50 -7.08
CA VAL A 104 6.74 4.60 -7.73
C VAL A 104 6.37 3.15 -7.52
N LEU A 105 6.05 2.79 -6.29
CA LEU A 105 5.67 1.41 -6.00
C LEU A 105 4.38 1.04 -6.74
N GLY A 106 3.46 1.97 -6.90
CA GLY A 106 2.27 1.68 -7.69
C GLY A 106 2.55 1.44 -9.13
N LEU A 107 3.46 2.24 -9.68
CA LEU A 107 3.85 1.99 -11.09
C LEU A 107 4.49 0.62 -11.25
N LEU A 108 5.38 0.27 -10.31
CA LEU A 108 6.02 -1.05 -10.39
C LEU A 108 5.01 -2.16 -10.28
N ASP A 109 4.08 -2.06 -9.35
CA ASP A 109 3.15 -3.17 -9.15
C ASP A 109 2.07 -3.23 -10.22
N SER A 110 1.59 -2.09 -10.64
CA SER A 110 0.45 -2.01 -11.57
C SER A 110 0.88 -2.20 -12.99
N HIS A 111 2.12 -1.84 -13.35
CA HIS A 111 2.50 -1.84 -14.75
C HIS A 111 3.79 -2.59 -15.08
N LEU A 112 4.74 -2.58 -14.20
CA LEU A 112 6.10 -2.91 -14.68
C LEU A 112 6.61 -4.30 -14.25
N ILE A 113 6.29 -4.68 -13.04
CA ILE A 113 6.78 -6.01 -12.54
C ILE A 113 5.90 -7.11 -13.14
N LYS A 114 6.63 -8.02 -13.78
CA LYS A 114 6.13 -9.04 -14.69
C LYS A 114 5.11 -8.82 -15.79
N GLU A 115 5.23 -7.74 -16.55
CA GLU A 115 5.14 -7.84 -18.00
C GLU A 115 6.61 -8.09 -18.47
N ALA A 116 7.55 -8.06 -17.50
CA ALA A 116 8.97 -8.39 -17.71
C ALA A 116 9.22 -9.90 -17.59
N GLY A 117 9.70 -10.49 -18.66
CA GLY A 117 10.15 -11.83 -18.60
C GLY A 117 11.67 -11.84 -18.58
N ASP A 118 12.33 -10.88 -19.24
CA ASP A 118 13.81 -10.99 -19.30
C ASP A 118 14.45 -10.62 -18.02
N ALA A 119 15.54 -11.30 -17.67
CA ALA A 119 16.13 -11.10 -16.37
C ALA A 119 16.54 -9.69 -16.10
N GLU A 120 17.06 -8.98 -17.13
CA GLU A 120 17.52 -7.60 -16.96
CA GLU A 120 17.52 -7.62 -16.89
C GLU A 120 16.39 -6.72 -16.40
N SER A 121 15.20 -6.79 -17.02
CA SER A 121 14.14 -5.93 -16.58
C SER A 121 13.52 -6.44 -15.27
N ARG A 122 13.39 -7.76 -15.11
CA ARG A 122 12.79 -8.24 -13.84
C ARG A 122 13.64 -7.83 -12.63
N VAL A 123 14.96 -7.98 -12.76
CA VAL A 123 15.84 -7.64 -11.64
C VAL A 123 15.84 -6.11 -11.40
N PHE A 124 15.85 -5.34 -12.51
CA PHE A 124 15.93 -3.91 -12.33
C PHE A 124 14.69 -3.45 -11.57
N TYR A 125 13.50 -3.98 -11.92
CA TYR A 125 12.30 -3.48 -11.23
C TYR A 125 12.19 -3.97 -9.78
N LEU A 126 12.61 -5.21 -9.51
CA LEU A 126 12.51 -5.69 -8.16
C LEU A 126 13.52 -4.96 -7.28
N LYS A 127 14.73 -4.69 -7.80
CA LYS A 127 15.65 -3.83 -7.08
C LYS A 127 14.99 -2.47 -6.79
N MET A 128 14.36 -1.87 -7.78
CA MET A 128 13.71 -0.59 -7.52
C MET A 128 12.61 -0.67 -6.44
N LYS A 129 11.86 -1.77 -6.44
CA LYS A 129 10.83 -2.00 -5.40
C LYS A 129 11.49 -2.05 -4.01
N GLY A 130 12.58 -2.78 -3.92
CA GLY A 130 13.34 -2.79 -2.67
C GLY A 130 13.80 -1.42 -2.24
N ASP A 131 14.37 -0.67 -3.20
CA ASP A 131 14.85 0.66 -2.91
C ASP A 131 13.75 1.59 -2.36
N TYR A 132 12.61 1.61 -3.01
CA TYR A 132 11.54 2.55 -2.58
C TYR A 132 10.90 2.11 -1.25
N TYR A 133 10.80 0.82 -1.04
CA TYR A 133 10.39 0.40 0.35
C TYR A 133 11.48 0.78 1.36
N ARG A 134 12.79 0.71 0.99
CA ARG A 134 13.84 1.15 1.86
C ARG A 134 13.70 2.64 2.17
N TYR A 135 13.32 3.47 1.16
CA TYR A 135 13.11 4.90 1.51
C TYR A 135 11.92 5.12 2.42
N LEU A 136 10.85 4.36 2.25
CA LEU A 136 9.71 4.44 3.22
C LEU A 136 10.20 3.99 4.60
N ALA A 137 11.05 2.96 4.62
CA ALA A 137 11.51 2.51 5.98
C ALA A 137 12.37 3.51 6.71
N GLU A 138 13.11 4.34 6.01
CA GLU A 138 13.94 5.37 6.60
C GLU A 138 13.09 6.36 7.44
N VAL A 139 11.82 6.57 7.02
CA VAL A 139 10.95 7.53 7.78
C VAL A 139 9.91 6.92 8.69
N ALA A 140 9.80 5.58 8.66
CA ALA A 140 8.78 4.82 9.42
C ALA A 140 9.19 4.58 10.85
N THR A 141 8.24 4.27 11.73
CA THR A 141 8.69 3.62 12.99
C THR A 141 7.85 2.42 13.52
N GLY A 142 6.65 2.23 12.96
CA GLY A 142 5.76 1.18 13.51
C GLY A 142 6.50 0.01 14.19
N ASP A 144 4.58 -0.79 11.96
CA ASP A 144 4.55 -0.53 10.52
C ASP A 144 5.96 -0.42 9.84
N LYS A 145 6.98 0.09 10.53
CA LYS A 145 8.36 -0.02 10.07
CA LYS A 145 8.35 -0.02 10.03
C LYS A 145 8.68 -1.49 9.80
N LYS A 146 8.25 -2.38 10.71
CA LYS A 146 8.60 -3.78 10.48
CA LYS A 146 8.59 -3.79 10.49
C LYS A 146 8.04 -4.34 9.21
N ARG A 147 6.81 -4.01 8.87
CA ARG A 147 6.20 -4.59 7.70
C ARG A 147 6.91 -4.00 6.47
N ILE A 148 7.29 -2.72 6.59
CA ILE A 148 7.91 -2.06 5.40
C ILE A 148 9.29 -2.70 5.15
N ILE A 149 10.01 -3.00 6.22
CA ILE A 149 11.34 -3.64 6.15
C ILE A 149 11.21 -5.00 5.52
N ASP A 150 10.18 -5.76 5.90
CA ASP A 150 10.09 -7.06 5.27
CA ASP A 150 9.90 -7.07 5.31
C ASP A 150 9.70 -6.99 3.78
N SER A 151 8.92 -5.97 3.41
CA SER A 151 8.57 -5.75 2.01
C SER A 151 9.84 -5.45 1.20
N ALA A 152 10.71 -4.61 1.76
CA ALA A 152 11.95 -4.28 1.04
C ALA A 152 12.81 -5.57 0.91
N ARG A 153 12.92 -6.29 2.00
CA ARG A 153 13.76 -7.47 2.00
CA ARG A 153 13.74 -7.49 2.02
C ARG A 153 13.18 -8.45 1.01
CA SER A 154 11.44 -9.61 0.16
CA SER A 154 11.79 -10.91 0.14
N ALA A 155 11.44 -8.01 -1.68
CA ALA A 155 11.76 -7.60 -3.07
C ALA A 155 13.24 -7.81 -3.43
N TYR A 156 14.14 -7.30 -2.57
CA TYR A 156 15.57 -7.49 -2.85
C TYR A 156 15.96 -8.97 -3.02
N GLN A 157 15.41 -9.78 -2.14
CA GLN A 157 15.72 -11.23 -2.14
C GLN A 157 15.23 -11.92 -3.41
N GLU A 158 14.06 -11.52 -3.92
CA GLU A 158 13.59 -12.11 -5.18
CA GLU A 158 13.60 -12.10 -5.18
C GLU A 158 14.54 -11.67 -6.30
N ALA A 159 14.95 -10.39 -6.27
CA ALA A 159 15.88 -9.88 -7.29
C ALA A 159 17.23 -10.62 -7.27
N MET A 160 17.69 -10.86 -6.06
CA MET A 160 18.96 -11.55 -5.86
CA MET A 160 18.94 -11.54 -5.84
C MET A 160 18.90 -12.96 -6.42
N ASP A 161 17.81 -13.67 -6.13
CA ASP A 161 17.65 -15.05 -6.62
C ASP A 161 17.68 -15.12 -8.16
N ILE A 162 16.96 -14.21 -8.82
CA ILE A 162 16.98 -14.14 -10.25
C ILE A 162 18.38 -13.79 -10.77
N SER A 163 19.03 -12.82 -10.13
CA SER A 163 20.29 -12.30 -10.66
CA SER A 163 20.31 -12.31 -10.61
C SER A 163 21.36 -13.41 -10.57
N LYS A 164 21.28 -14.23 -9.51
CA LYS A 164 22.32 -15.23 -9.33
CA LYS A 164 22.25 -15.30 -9.26
C LYS A 164 22.13 -16.36 -10.31
N LYS A 165 20.90 -16.61 -10.73
CA LYS A 165 20.62 -17.69 -11.70
C LYS A 165 20.81 -17.29 -13.12
N GLU A 166 20.47 -16.03 -13.42
CA GLU A 166 20.35 -15.61 -14.81
CA GLU A 166 20.33 -15.65 -14.83
C GLU A 166 21.35 -14.63 -15.34
N MET A 167 22.21 -14.08 -14.46
CA MET A 167 23.14 -13.04 -14.90
C MET A 167 24.57 -13.37 -14.51
N PRO A 168 25.59 -12.89 -15.28
CA PRO A 168 26.89 -13.13 -14.73
C PRO A 168 27.28 -12.23 -13.59
N PRO A 169 28.27 -12.63 -12.80
CA PRO A 169 28.63 -11.91 -11.55
C PRO A 169 29.14 -10.49 -11.75
N THR A 170 29.53 -10.13 -12.98
CA THR A 170 29.92 -8.74 -13.32
C THR A 170 28.83 -7.90 -13.86
N ASN A 171 27.61 -8.45 -14.03
CA ASN A 171 26.55 -7.67 -14.66
CA ASN A 171 26.55 -7.67 -14.65
C ASN A 171 26.25 -6.43 -13.81
N PRO A 172 26.28 -5.22 -14.40
CA PRO A 172 26.08 -4.00 -13.57
C PRO A 172 24.80 -3.95 -12.79
N ILE A 173 23.70 -4.48 -13.32
CA ILE A 173 22.44 -4.49 -12.56
CA ILE A 173 22.45 -4.47 -12.56
C ILE A 173 22.56 -5.38 -11.35
N ARG A 174 23.19 -6.55 -11.54
CA ARG A 174 23.39 -7.48 -10.44
C ARG A 174 24.30 -6.86 -9.37
N LEU A 175 25.36 -6.18 -9.78
CA LEU A 175 26.30 -5.55 -8.81
C LEU A 175 25.61 -4.44 -8.06
N GLY A 176 24.80 -3.64 -8.78
CA GLY A 176 24.08 -2.49 -8.12
C GLY A 176 23.05 -2.98 -7.10
N LEU A 177 22.37 -4.07 -7.47
CA LEU A 177 21.44 -4.70 -6.57
C LEU A 177 22.15 -5.19 -5.28
N ALA A 178 23.26 -5.88 -5.45
CA ALA A 178 23.98 -6.33 -4.27
C ALA A 178 24.50 -5.17 -3.41
N LEU A 179 24.93 -4.09 -4.05
CA LEU A 179 25.31 -2.91 -3.33
C LEU A 179 24.12 -2.37 -2.49
N ASN A 180 22.94 -2.26 -3.10
CA ASN A 180 21.88 -1.64 -2.36
C ASN A 180 21.33 -2.59 -1.30
N PHE A 181 21.31 -3.88 -1.61
CA PHE A 181 20.80 -4.83 -0.58
C PHE A 181 21.77 -4.86 0.61
N SER A 182 23.10 -4.72 0.32
CA SER A 182 24.08 -4.69 1.42
CA SER A 182 24.04 -4.71 1.43
C SER A 182 23.82 -3.44 2.26
N VAL A 183 23.46 -2.33 1.62
CA VAL A 183 23.18 -1.07 2.35
C VAL A 183 21.91 -1.25 3.19
N PHE A 184 20.90 -1.95 2.63
CA PHE A 184 19.70 -2.30 3.42
C PHE A 184 20.10 -3.08 4.66
N HIS A 185 20.92 -4.11 4.49
CA HIS A 185 21.29 -4.93 5.73
C HIS A 185 21.94 -4.05 6.81
N TYR A 186 22.83 -3.15 6.41
CA TYR A 186 23.65 -2.33 7.30
C TYR A 186 22.85 -1.19 7.94
N GLU A 187 22.09 -0.47 7.13
CA GLU A 187 21.36 0.75 7.59
C GLU A 187 19.97 0.54 8.11
N ILE A 188 19.28 -0.46 7.61
CA ILE A 188 17.87 -0.63 7.85
C ILE A 188 17.60 -1.82 8.75
N ALA A 189 18.20 -2.95 8.43
CA ALA A 189 17.82 -4.24 8.99
C ALA A 189 18.68 -4.60 10.21
N ASN A 190 19.61 -3.74 10.61
CA ASN A 190 20.47 -4.02 11.80
C ASN A 190 21.25 -5.30 11.61
N SER A 191 21.79 -5.51 10.39
CA SER A 191 22.49 -6.76 10.10
CA SER A 191 22.48 -6.76 10.10
C SER A 191 23.82 -6.45 9.43
N PRO A 192 24.72 -5.74 10.14
CA PRO A 192 26.01 -5.35 9.57
C PRO A 192 26.80 -6.56 9.16
N GLU A 193 26.72 -7.66 9.90
CA GLU A 193 27.52 -8.81 9.41
C GLU A 193 27.06 -9.35 8.09
N GLU A 194 25.73 -9.40 7.88
CA GLU A 194 25.22 -9.83 6.59
C GLU A 194 25.58 -8.80 5.48
N ALA A 195 25.53 -7.51 5.83
CA ALA A 195 25.95 -6.46 4.85
C ALA A 195 27.39 -6.70 4.35
N ILE A 196 28.30 -6.90 5.33
CA ILE A 196 29.71 -7.08 5.03
C ILE A 196 29.96 -8.37 4.24
N SER A 197 29.27 -9.47 4.59
CA SER A 197 29.47 -10.74 3.89
C SER A 197 28.98 -10.63 2.45
N LEU A 198 27.86 -9.93 2.25
CA LEU A 198 27.32 -9.80 0.92
CA LEU A 198 27.28 -9.71 0.93
C LEU A 198 28.22 -8.90 0.04
N ALA A 199 28.74 -7.78 0.60
CA ALA A 199 29.56 -6.89 -0.26
C ALA A 199 30.85 -7.66 -0.61
N LYS A 200 31.38 -8.47 0.33
CA LYS A 200 32.65 -9.16 0.13
CA LYS A 200 32.66 -9.10 0.09
C LYS A 200 32.53 -10.23 -0.92
N THR A 201 31.54 -11.08 -0.75
CA THR A 201 31.36 -12.12 -1.74
C THR A 201 31.00 -11.56 -3.12
N THR A 202 30.16 -10.49 -3.14
CA THR A 202 29.86 -9.92 -4.48
C THR A 202 31.12 -9.38 -5.17
N PHE A 203 31.96 -8.69 -4.40
CA PHE A 203 33.16 -8.09 -4.91
C PHE A 203 34.09 -9.19 -5.44
N ASP A 204 34.32 -10.19 -4.63
CA ASP A 204 35.23 -11.26 -5.03
C ASP A 204 34.78 -12.05 -6.21
N GLU A 205 33.48 -12.34 -6.35
CA GLU A 205 32.98 -13.13 -7.49
C GLU A 205 33.02 -12.32 -8.78
N ALA A 206 32.85 -11.00 -8.61
CA ALA A 206 32.99 -10.09 -9.78
C ALA A 206 34.45 -10.00 -10.27
N MET A 207 35.36 -9.81 -9.31
CA MET A 207 36.80 -9.70 -9.62
C MET A 207 37.29 -10.89 -10.43
N ALA A 208 36.80 -12.10 -10.06
CA ALA A 208 37.20 -13.35 -10.74
C ALA A 208 36.73 -13.44 -12.17
N ASP A 209 35.66 -12.68 -12.51
CA ASP A 209 35.14 -12.78 -13.87
CA ASP A 209 34.98 -12.71 -13.82
C ASP A 209 35.42 -11.54 -14.72
N LEU A 210 36.22 -10.59 -14.21
CA LEU A 210 36.54 -9.39 -14.98
C LEU A 210 37.25 -9.71 -16.30
N HIS A 211 37.94 -10.85 -16.31
CA HIS A 211 38.82 -11.16 -17.46
C HIS A 211 38.01 -11.42 -18.68
N THR A 212 36.70 -11.66 -18.50
CA THR A 212 35.82 -11.95 -19.60
C THR A 212 35.31 -10.68 -20.32
N LEU A 213 35.52 -9.51 -19.76
CA LEU A 213 34.91 -8.26 -20.22
C LEU A 213 35.76 -7.39 -21.16
N SER A 214 35.11 -6.71 -22.11
CA SER A 214 35.72 -5.65 -22.92
C SER A 214 36.08 -4.42 -22.08
N GLU A 215 36.79 -3.47 -22.67
CA GLU A 215 37.27 -2.31 -21.95
C GLU A 215 36.10 -1.52 -21.33
N ASP A 216 35.08 -1.31 -22.14
CA ASP A 216 34.00 -0.44 -21.70
C ASP A 216 33.12 -1.13 -20.66
N SER A 217 32.82 -2.43 -20.87
CA SER A 217 32.14 -3.23 -19.80
C SER A 217 32.93 -3.40 -18.55
N TYR A 218 34.26 -3.58 -18.69
CA TYR A 218 35.13 -3.58 -17.53
C TYR A 218 34.94 -2.26 -16.71
N LYS A 219 34.84 -1.11 -17.39
CA LYS A 219 34.73 0.16 -16.66
C LYS A 219 33.36 0.21 -15.97
N ASP A 220 32.30 -0.18 -16.69
CA ASP A 220 30.95 -0.20 -16.06
C ASP A 220 30.89 -1.03 -14.78
N SER A 221 31.45 -2.23 -14.84
CA SER A 221 31.42 -3.12 -13.64
C SER A 221 32.35 -2.69 -12.58
N THR A 222 33.58 -2.28 -12.95
CA THR A 222 34.56 -1.95 -11.92
C THR A 222 34.15 -0.68 -11.17
N LEU A 223 33.41 0.26 -11.80
CA LEU A 223 33.00 1.45 -11.00
C LEU A 223 32.07 1.06 -9.87
N ILE A 224 31.18 0.08 -10.13
CA ILE A 224 30.31 -0.37 -9.05
C ILE A 224 31.10 -1.23 -8.03
N MET A 225 32.03 -2.08 -8.49
CA MET A 225 32.85 -2.85 -7.53
C MET A 225 33.58 -1.88 -6.59
N GLN A 226 34.03 -0.78 -7.13
CA GLN A 226 34.75 0.22 -6.33
C GLN A 226 33.83 0.82 -5.25
N LEU A 227 32.54 1.07 -5.56
CA LEU A 227 31.61 1.46 -4.49
C LEU A 227 31.48 0.38 -3.41
N LEU A 228 31.40 -0.89 -3.85
CA LEU A 228 31.33 -1.99 -2.86
C LEU A 228 32.54 -1.94 -1.94
N ARG A 229 33.72 -1.77 -2.53
CA ARG A 229 34.92 -1.70 -1.72
C ARG A 229 34.88 -0.50 -0.80
N ASP A 230 34.40 0.65 -1.29
CA ASP A 230 34.31 1.80 -0.41
C ASP A 230 33.44 1.54 0.81
N ASN A 231 32.30 0.84 0.61
CA ASN A 231 31.46 0.51 1.75
C ASN A 231 32.16 -0.48 2.70
N LEU A 232 32.81 -1.49 2.13
CA LEU A 232 33.53 -2.45 2.97
C LEU A 232 34.57 -1.73 3.82
N THR A 233 35.29 -0.81 3.21
CA THR A 233 36.30 -0.08 3.99
C THR A 233 35.72 0.81 5.08
N LEU A 234 34.57 1.41 4.82
CA LEU A 234 33.86 2.19 5.84
C LEU A 234 33.39 1.31 7.02
N TRP A 235 32.90 0.14 6.68
CA TRP A 235 32.30 -0.69 7.67
C TRP A 235 33.26 -1.54 8.45
N THR A 236 34.48 -1.66 7.98
CA THR A 236 35.43 -2.57 8.62
C THR A 236 36.69 -1.79 8.98
N GLY B 1 1.18 -2.61 21.42
CA GLY B 1 -0.30 -2.84 21.55
C GLY B 1 -0.60 -2.46 22.97
N ALA B 2 -1.41 -1.42 23.15
CA ALA B 2 -1.76 -0.95 24.50
C ALA B 2 -2.47 -2.09 25.19
N MET B 3 -3.09 -3.00 24.44
CA MET B 3 -3.84 -4.03 25.16
C MET B 3 -3.05 -5.30 25.39
N GLY B 4 -1.75 -5.29 25.03
CA GLY B 4 -0.96 -6.49 25.12
C GLY B 4 -0.88 -7.12 26.50
N SER B 5 -1.08 -6.31 27.56
CA SER B 5 -0.93 -6.89 28.93
CA SER B 5 -0.93 -6.83 28.94
C SER B 5 -2.22 -7.38 29.53
N MET B 6 -3.36 -7.23 28.82
CA MET B 6 -4.63 -7.64 29.38
C MET B 6 -5.04 -9.01 28.86
N GLU B 7 -5.62 -9.82 29.77
CA GLU B 7 -6.08 -11.17 29.33
C GLU B 7 -7.16 -11.08 28.21
N ARG B 8 -7.07 -12.00 27.24
CA ARG B 8 -8.10 -12.07 26.19
C ARG B 8 -9.52 -12.01 26.75
N ALA B 9 -9.78 -12.84 27.78
CA ALA B 9 -11.13 -12.91 28.29
C ALA B 9 -11.56 -11.60 28.90
N SER B 10 -10.63 -10.90 29.54
CA SER B 10 -10.91 -9.56 30.10
C SER B 10 -11.19 -8.55 28.99
N LEU B 11 -10.44 -8.63 27.88
CA LEU B 11 -10.73 -7.71 26.72
C LEU B 11 -12.13 -7.96 26.17
N ILE B 12 -12.53 -9.22 26.01
CA ILE B 12 -13.92 -9.51 25.53
C ILE B 12 -14.98 -8.95 26.53
N GLN B 13 -14.77 -9.15 27.83
CA GLN B 13 -15.67 -8.69 28.84
C GLN B 13 -15.84 -7.14 28.77
N LYS B 14 -14.69 -6.47 28.63
CA LYS B 14 -14.70 -4.95 28.54
C LYS B 14 -15.26 -4.47 27.22
N ALA B 15 -15.10 -5.27 26.14
CA ALA B 15 -15.76 -4.87 24.89
C ALA B 15 -17.27 -4.87 25.07
N LYS B 16 -17.79 -5.83 25.85
CA LYS B 16 -19.27 -5.88 26.03
C LYS B 16 -19.71 -4.74 26.94
N LEU B 17 -18.88 -4.37 27.94
CA LEU B 17 -19.21 -3.24 28.83
C LEU B 17 -19.22 -1.97 28.00
N ALA B 18 -18.22 -1.81 27.12
CA ALA B 18 -18.11 -0.58 26.35
C ALA B 18 -19.35 -0.47 25.47
N GLU B 19 -19.81 -1.61 24.93
CA GLU B 19 -21.02 -1.63 24.05
C GLU B 19 -22.24 -1.16 24.88
N GLN B 20 -22.37 -1.63 26.13
CA GLN B 20 -23.49 -1.18 26.98
C GLN B 20 -23.44 0.32 27.28
N ALA B 21 -22.25 0.85 27.36
CA ALA B 21 -22.05 2.24 27.64
C ALA B 21 -22.02 3.09 26.37
N GLU B 22 -22.22 2.45 25.21
CA GLU B 22 -22.14 3.11 23.86
C GLU B 22 -20.79 3.82 23.65
N ARG B 23 -19.70 3.20 24.14
CA ARG B 23 -18.37 3.75 24.02
C ARG B 23 -17.72 2.89 22.90
N TYR B 24 -18.02 3.20 21.65
CA TYR B 24 -17.66 2.32 20.55
C TYR B 24 -16.18 2.40 20.19
N GLU B 25 -15.51 3.53 20.43
CA GLU B 25 -14.05 3.60 20.16
C GLU B 25 -13.35 2.66 21.18
N ASP B 26 -13.79 2.74 22.44
CA ASP B 26 -13.25 1.78 23.48
C ASP B 26 -13.55 0.35 23.05
N MET B 27 -14.78 0.07 22.62
CA MET B 27 -15.15 -1.29 22.28
C MET B 27 -14.23 -1.76 21.16
N ALA B 28 -13.99 -0.92 20.15
CA ALA B 28 -13.14 -1.33 19.05
C ALA B 28 -11.71 -1.57 19.51
N ALA B 29 -11.21 -0.75 20.42
CA ALA B 29 -9.83 -0.95 20.93
C ALA B 29 -9.71 -2.26 21.69
N PHE B 30 -10.76 -2.64 22.48
CA PHE B 30 -10.71 -3.86 23.25
C PHE B 30 -10.71 -5.02 22.27
N MET B 31 -11.58 -4.91 21.26
CA MET B 31 -11.63 -5.98 20.27
C MET B 31 -10.39 -6.11 19.42
N LYS B 32 -9.70 -5.03 19.13
CA LYS B 32 -8.43 -5.10 18.37
C LYS B 32 -7.50 -5.88 19.28
N GLY B 33 -7.49 -5.52 20.56
CA GLY B 33 -6.55 -6.24 21.45
C GLY B 33 -6.86 -7.73 21.51
N ALA B 34 -8.13 -8.09 21.51
CA ALA B 34 -8.54 -9.55 21.57
C ALA B 34 -8.06 -10.21 20.29
N VAL B 35 -8.23 -9.58 19.14
CA VAL B 35 -7.75 -10.14 17.87
C VAL B 35 -6.27 -10.34 17.89
N GLU B 36 -5.54 -9.42 18.48
CA GLU B 36 -4.06 -9.45 18.44
C GLU B 36 -3.51 -10.52 19.36
N LYS B 37 -4.38 -11.16 20.14
CA LYS B 37 -3.95 -12.34 20.92
C LYS B 37 -3.57 -13.52 20.01
N GLY B 38 -4.09 -13.54 18.81
CA GLY B 38 -3.71 -14.52 17.80
C GLY B 38 -4.62 -15.71 17.69
N GLU B 39 -5.64 -15.81 18.55
CA GLU B 39 -6.60 -16.90 18.47
C GLU B 39 -7.78 -16.57 17.52
N GLU B 40 -8.39 -17.62 16.99
CA GLU B 40 -9.65 -17.42 16.26
C GLU B 40 -10.75 -16.79 17.10
N LEU B 41 -11.70 -16.15 16.41
CA LEU B 41 -12.85 -15.59 17.05
C LEU B 41 -14.04 -16.45 16.83
N SER B 42 -14.85 -16.52 17.88
CA SER B 42 -16.17 -17.17 17.76
C SER B 42 -17.09 -16.28 16.94
N CYS B 43 -18.26 -16.83 16.55
CA CYS B 43 -19.22 -16.01 15.77
C CYS B 43 -19.65 -14.75 16.61
N GLU B 44 -19.86 -14.94 17.91
CA GLU B 44 -20.28 -13.83 18.78
C GLU B 44 -19.18 -12.76 18.79
N GLU B 45 -17.95 -13.23 18.94
CA GLU B 45 -16.80 -12.27 18.96
C GLU B 45 -16.58 -11.52 17.64
N ARG B 46 -16.67 -12.24 16.52
CA ARG B 46 -16.55 -11.64 15.18
C ARG B 46 -17.59 -10.52 15.03
N ASN B 47 -18.78 -10.81 15.54
CA ASN B 47 -19.85 -9.81 15.49
C ASN B 47 -19.55 -8.57 16.38
N LEU B 48 -18.94 -8.79 17.56
CA LEU B 48 -18.50 -7.68 18.43
C LEU B 48 -17.49 -6.82 17.67
N LEU B 49 -16.54 -7.46 17.02
CA LEU B 49 -15.50 -6.71 16.28
C LEU B 49 -16.13 -5.88 15.19
N SER B 50 -17.06 -6.51 14.46
CA SER B 50 -17.72 -5.79 13.38
C SER B 50 -18.61 -4.61 13.85
N VAL B 51 -19.38 -4.83 14.88
CA VAL B 51 -20.29 -3.82 15.46
C VAL B 51 -19.43 -2.62 15.89
N ALA B 52 -18.34 -2.94 16.59
CA ALA B 52 -17.50 -1.84 17.13
C ALA B 52 -16.95 -0.97 16.00
N TYR B 53 -16.32 -1.58 14.99
CA TYR B 53 -15.70 -0.75 14.01
C TYR B 53 -16.74 -0.09 13.08
N LYS B 54 -17.84 -0.78 12.85
CA LYS B 54 -18.89 -0.17 11.95
C LYS B 54 -19.40 1.10 12.62
N ASN B 55 -19.63 1.06 13.93
CA ASN B 55 -19.99 2.30 14.66
C ASN B 55 -18.95 3.41 14.57
N VAL B 56 -17.70 3.08 14.80
CA VAL B 56 -16.66 4.09 14.70
C VAL B 56 -16.55 4.69 13.27
N VAL B 57 -16.37 3.81 12.25
CA VAL B 57 -16.23 4.32 10.89
C VAL B 57 -17.53 4.97 10.45
N GLY B 58 -18.68 4.46 10.86
CA GLY B 58 -19.93 5.07 10.48
C GLY B 58 -20.01 6.56 10.92
N GLY B 59 -19.57 6.83 12.14
CA GLY B 59 -19.52 8.22 12.68
C GLY B 59 -18.61 9.10 11.80
N GLN B 60 -17.44 8.56 11.49
CA GLN B 60 -16.46 9.26 10.71
C GLN B 60 -16.94 9.54 9.29
N ARG B 61 -17.58 8.53 8.66
CA ARG B 61 -18.15 8.72 7.31
C ARG B 61 -19.25 9.79 7.31
N ALA B 62 -20.10 9.78 8.34
CA ALA B 62 -21.17 10.77 8.40
C ALA B 62 -20.62 12.17 8.55
N ALA B 63 -19.57 12.33 9.36
CA ALA B 63 -18.96 13.65 9.57
C ALA B 63 -18.27 14.10 8.26
N TRP B 64 -17.60 13.15 7.58
CA TRP B 64 -16.91 13.45 6.30
C TRP B 64 -17.91 13.94 5.26
N ARG B 65 -19.06 13.30 5.22
CA ARG B 65 -20.08 13.69 4.27
C ARG B 65 -20.61 15.10 4.58
N VAL B 66 -20.79 15.43 5.87
CA VAL B 66 -21.30 16.76 6.24
C VAL B 66 -20.29 17.80 5.76
N LEU B 67 -19.00 17.57 6.05
CA LEU B 67 -17.95 18.52 5.69
C LEU B 67 -17.74 18.59 4.18
N SER B 68 -17.77 17.44 3.53
CA SER B 68 -17.64 17.43 2.07
C SER B 68 -18.77 18.23 1.44
N SER B 69 -19.96 18.17 2.02
CA SER B 69 -21.12 18.88 1.48
C SER B 69 -20.95 20.41 1.61
N ILE B 70 -20.53 20.82 2.80
CA ILE B 70 -20.17 22.23 3.04
C ILE B 70 -19.10 22.68 2.03
N GLU B 71 -18.08 21.86 1.82
CA GLU B 71 -16.92 22.25 1.01
C GLU B 71 -17.34 22.44 -0.43
N GLN B 72 -18.27 21.62 -0.89
CA GLN B 72 -18.76 21.77 -2.27
C GLN B 72 -19.63 23.00 -2.40
N LYS B 73 -20.42 23.32 -1.38
CA LYS B 73 -21.19 24.56 -1.44
C LYS B 73 -20.30 25.81 -1.41
N SER B 74 -19.20 25.74 -0.68
CA SER B 74 -18.09 26.71 -0.76
C SER B 74 -17.66 27.03 -2.19
N ASN B 75 -17.87 26.11 -3.12
CA ASN B 75 -17.35 26.26 -4.48
C ASN B 75 -18.39 26.30 -5.61
N GLU B 76 -19.54 26.93 -5.37
CA GLU B 76 -20.56 26.96 -6.42
C GLU B 76 -20.90 28.40 -6.86
N GLU B 77 -22.12 28.59 -7.38
CA GLU B 77 -22.68 29.93 -7.57
C GLU B 77 -22.93 30.54 -6.20
N GLY B 78 -23.30 29.67 -5.24
CA GLY B 78 -23.28 29.96 -3.80
C GLY B 78 -21.93 30.57 -3.44
N SER B 79 -21.95 31.89 -3.27
CA SER B 79 -20.80 32.75 -3.52
C SER B 79 -19.59 32.69 -2.55
N GLU B 80 -19.73 33.24 -1.34
CA GLU B 80 -18.58 33.75 -0.54
C GLU B 80 -17.38 32.84 -0.30
N GLU B 81 -16.20 33.38 -0.62
CA GLU B 81 -14.92 32.70 -0.37
C GLU B 81 -14.70 32.50 1.14
N LYS B 82 -14.51 31.25 1.53
CA LYS B 82 -14.37 30.89 2.93
C LYS B 82 -12.93 30.68 3.41
N GLY B 83 -11.98 30.51 2.48
CA GLY B 83 -10.63 30.23 2.89
C GLY B 83 -10.43 28.71 2.96
N PRO B 84 -9.23 28.26 3.40
CA PRO B 84 -8.84 26.83 3.35
C PRO B 84 -9.44 25.96 4.50
N GLU B 85 -10.15 26.56 5.44
CA GLU B 85 -10.45 25.83 6.70
C GLU B 85 -11.37 24.63 6.47
N VAL B 86 -12.42 24.75 5.62
CA VAL B 86 -13.35 23.61 5.40
C VAL B 86 -12.56 22.42 4.82
N ARG B 87 -11.75 22.70 3.78
CA ARG B 87 -10.98 21.64 3.21
C ARG B 87 -10.01 21.04 4.25
N GLU B 88 -9.31 21.90 5.00
CA GLU B 88 -8.38 21.41 5.99
C GLU B 88 -9.06 20.48 7.02
N TYR B 89 -10.28 20.89 7.43
CA TYR B 89 -10.91 20.09 8.48
C TYR B 89 -11.47 18.81 7.83
N ARG B 90 -11.98 18.91 6.63
CA ARG B 90 -12.40 17.67 5.91
C ARG B 90 -11.23 16.73 5.78
N GLU B 91 -10.03 17.25 5.45
CA GLU B 91 -8.83 16.41 5.34
C GLU B 91 -8.44 15.75 6.68
N LYS B 92 -8.67 16.45 7.79
CA LYS B 92 -8.34 15.90 9.12
C LYS B 92 -9.27 14.72 9.42
N VAL B 93 -10.56 14.86 9.11
CA VAL B 93 -11.50 13.78 9.41
C VAL B 93 -11.18 12.61 8.45
N GLU B 94 -10.84 12.94 7.21
CA GLU B 94 -10.52 11.93 6.22
C GLU B 94 -9.29 11.11 6.63
N THR B 95 -8.27 11.77 7.19
CA THR B 95 -7.08 11.05 7.58
C THR B 95 -7.37 10.16 8.79
N GLU B 96 -8.29 10.57 9.66
CA GLU B 96 -8.66 9.74 10.81
C GLU B 96 -9.49 8.52 10.35
N LEU B 97 -10.36 8.73 9.34
CA LEU B 97 -11.18 7.65 8.78
C LEU B 97 -10.23 6.67 8.08
N GLN B 98 -9.24 7.19 7.36
CA GLN B 98 -8.32 6.27 6.63
C GLN B 98 -7.56 5.44 7.63
N GLY B 99 -7.22 6.05 8.78
CA GLY B 99 -6.50 5.35 9.85
C GLY B 99 -7.31 4.15 10.38
N VAL B 100 -8.59 4.37 10.68
CA VAL B 100 -9.45 3.33 11.18
C VAL B 100 -9.61 2.19 10.15
N CYS B 101 -9.79 2.55 8.88
CA CYS B 101 -9.91 1.51 7.85
C CYS B 101 -8.64 0.71 7.71
N ASP B 102 -7.51 1.42 7.75
CA ASP B 102 -6.24 0.68 7.68
C ASP B 102 -6.08 -0.25 8.91
N THR B 103 -6.56 0.13 10.12
CA THR B 103 -6.46 -0.73 11.29
C THR B 103 -7.28 -1.98 11.12
N VAL B 104 -8.51 -1.80 10.63
CA VAL B 104 -9.37 -2.99 10.40
C VAL B 104 -8.77 -3.93 9.32
N LEU B 105 -8.35 -3.36 8.21
CA LEU B 105 -7.79 -4.14 7.11
C LEU B 105 -6.55 -4.87 7.64
N GLY B 106 -5.78 -4.18 8.47
CA GLY B 106 -4.59 -4.82 9.13
C GLY B 106 -4.96 -6.05 9.96
N LEU B 107 -6.11 -6.00 10.71
CA LEU B 107 -6.50 -7.13 11.55
C LEU B 107 -6.93 -8.28 10.59
N LEU B 108 -7.66 -7.94 9.51
CA LEU B 108 -8.14 -9.00 8.56
C LEU B 108 -6.94 -9.69 7.90
N ASP B 109 -5.90 -8.90 7.53
CA ASP B 109 -4.71 -9.43 6.81
C ASP B 109 -3.81 -10.21 7.76
N SER B 110 -3.79 -9.82 9.02
CA SER B 110 -2.86 -10.33 9.98
C SER B 110 -3.57 -10.67 11.27
N HIS B 111 -4.28 -11.82 11.37
CA HIS B 111 -4.36 -12.86 10.33
C HIS B 111 -5.71 -13.50 10.28
N LEU B 112 -6.76 -12.69 10.45
CA LEU B 112 -8.06 -13.25 10.61
C LEU B 112 -8.48 -14.08 9.41
N ILE B 113 -8.25 -13.56 8.20
CA ILE B 113 -8.79 -14.24 6.99
C ILE B 113 -8.11 -15.63 6.88
N LYS B 114 -6.79 -15.63 6.99
CA LYS B 114 -6.05 -16.91 6.78
C LYS B 114 -6.30 -17.98 7.84
N GLU B 115 -6.66 -17.56 9.05
CA GLU B 115 -6.87 -18.48 10.15
C GLU B 115 -8.31 -18.86 10.28
N ALA B 116 -9.18 -18.30 9.42
CA ALA B 116 -10.58 -18.53 9.70
C ALA B 116 -10.90 -19.99 9.38
N GLY B 117 -11.60 -20.66 10.30
CA GLY B 117 -11.65 -22.13 10.29
C GLY B 117 -12.89 -22.73 9.64
N ASP B 118 -13.79 -21.85 9.16
CA ASP B 118 -14.97 -22.34 8.37
C ASP B 118 -15.37 -21.38 7.28
N ALA B 119 -16.28 -21.81 6.39
CA ALA B 119 -16.65 -20.95 5.26
C ALA B 119 -17.37 -19.68 5.69
N GLU B 120 -18.28 -19.79 6.65
CA GLU B 120 -19.07 -18.67 7.07
C GLU B 120 -18.11 -17.57 7.58
N SER B 121 -17.16 -17.95 8.42
CA SER B 121 -16.26 -16.92 8.99
C SER B 121 -15.32 -16.39 7.92
N ARG B 122 -14.86 -17.19 6.96
CA ARG B 122 -14.02 -16.66 5.94
C ARG B 122 -14.79 -15.67 5.07
N VAL B 123 -16.02 -16.03 4.70
CA VAL B 123 -16.88 -15.09 3.92
C VAL B 123 -17.08 -13.80 4.72
N PHE B 124 -17.39 -13.95 6.01
CA PHE B 124 -17.67 -12.77 6.86
C PHE B 124 -16.45 -11.81 6.79
N TYR B 125 -15.23 -12.35 6.93
CA TYR B 125 -14.02 -11.47 7.00
C TYR B 125 -13.68 -10.95 5.62
N LEU B 126 -13.84 -11.76 4.55
CA LEU B 126 -13.58 -11.21 3.22
C LEU B 126 -14.57 -10.09 2.80
N LYS B 127 -15.86 -10.25 3.19
CA LYS B 127 -16.83 -9.22 2.97
C LYS B 127 -16.37 -7.95 3.74
N MET B 128 -15.96 -8.11 5.01
CA MET B 128 -15.45 -6.95 5.74
C MET B 128 -14.27 -6.31 5.01
N LYS B 129 -13.35 -7.11 4.45
CA LYS B 129 -12.23 -6.53 3.73
C LYS B 129 -12.72 -5.72 2.54
N GLY B 130 -13.65 -6.27 1.77
CA GLY B 130 -14.28 -5.50 0.69
C GLY B 130 -14.90 -4.19 1.19
N ASP B 131 -15.62 -4.29 2.28
CA ASP B 131 -16.32 -3.13 2.83
C ASP B 131 -15.34 -2.05 3.26
N TYR B 132 -14.30 -2.42 3.95
CA TYR B 132 -13.39 -1.34 4.44
C TYR B 132 -12.49 -0.76 3.33
N TYR B 133 -12.12 -1.56 2.31
CA TYR B 133 -11.56 -0.93 1.14
C TYR B 133 -12.57 -0.01 0.43
N ARG B 134 -13.86 -0.39 0.43
CA ARG B 134 -14.88 0.42 -0.19
C ARG B 134 -14.97 1.78 0.58
N TYR B 135 -14.92 1.73 1.90
CA TYR B 135 -14.89 3.02 2.65
C TYR B 135 -13.68 3.86 2.33
N LEU B 136 -12.52 3.26 2.16
CA LEU B 136 -11.35 4.05 1.68
C LEU B 136 -11.61 4.63 0.29
N ALA B 137 -12.24 3.87 -0.60
CA ALA B 137 -12.49 4.28 -1.97
C ALA B 137 -13.37 5.53 -1.99
N GLU B 138 -14.28 5.65 -1.02
CA GLU B 138 -15.20 6.76 -1.01
C GLU B 138 -14.44 8.08 -0.84
N VAL B 139 -13.28 8.05 -0.20
CA VAL B 139 -12.55 9.31 0.10
C VAL B 139 -11.24 9.43 -0.69
N ALA B 140 -10.94 8.41 -1.49
CA ALA B 140 -9.65 8.37 -2.23
C ALA B 140 -9.76 9.11 -3.55
N THR B 141 -8.61 9.44 -4.13
CA THR B 141 -8.65 10.09 -5.45
C THR B 141 -7.65 9.47 -6.43
N GLY B 142 -6.67 8.79 -5.89
CA GLY B 142 -5.41 8.62 -6.66
C GLY B 142 -5.57 8.33 -8.17
N ASP B 144 -4.37 6.16 -6.41
CA ASP B 144 -4.60 5.45 -5.15
C ASP B 144 -6.05 4.89 -5.19
N LYS B 145 -7.02 5.72 -5.57
CA LYS B 145 -8.42 5.25 -5.65
C LYS B 145 -8.54 4.02 -6.57
N LYS B 146 -7.80 4.02 -7.69
CA LYS B 146 -7.87 2.87 -8.62
C LYS B 146 -7.41 1.59 -7.98
N ARG B 147 -6.26 1.71 -7.26
CA ARG B 147 -5.71 0.55 -6.55
C ARG B 147 -6.68 0.04 -5.51
N ILE B 148 -7.37 0.97 -4.84
CA ILE B 148 -8.20 0.57 -3.69
C ILE B 148 -9.43 -0.17 -4.25
N ILE B 149 -9.94 0.35 -5.36
CA ILE B 149 -11.10 -0.21 -6.03
C ILE B 149 -10.78 -1.62 -6.51
N ASP B 150 -9.58 -1.83 -7.07
CA ASP B 150 -9.20 -3.23 -7.37
C ASP B 150 -9.13 -4.16 -6.19
N SER B 151 -8.53 -3.66 -5.11
CA SER B 151 -8.45 -4.43 -3.86
C SER B 151 -9.84 -4.83 -3.32
N ALA B 152 -10.77 -3.90 -3.39
CA ALA B 152 -12.15 -4.16 -2.86
C ALA B 152 -12.78 -5.26 -3.69
N ARG B 153 -12.60 -5.11 -5.00
CA ARG B 153 -13.20 -6.05 -5.96
C ARG B 153 -12.68 -7.45 -5.67
N SER B 154 -11.37 -7.59 -5.47
CA SER B 154 -10.77 -8.89 -5.32
C SER B 154 -11.26 -9.58 -4.05
N ALA B 155 -11.38 -8.80 -2.95
CA ALA B 155 -11.85 -9.35 -1.68
C ALA B 155 -13.30 -9.82 -1.83
N TYR B 156 -14.16 -8.94 -2.35
CA TYR B 156 -15.55 -9.31 -2.53
C TYR B 156 -15.70 -10.54 -3.46
N GLN B 157 -14.88 -10.59 -4.51
CA GLN B 157 -15.00 -11.66 -5.53
C GLN B 157 -14.57 -12.95 -4.87
N GLU B 158 -13.57 -12.90 -4.03
CA GLU B 158 -13.17 -14.15 -3.32
C GLU B 158 -14.24 -14.62 -2.40
N ALA B 159 -14.86 -13.65 -1.68
CA ALA B 159 -15.94 -13.99 -0.76
C ALA B 159 -17.07 -14.64 -1.58
N MET B 160 -17.36 -14.07 -2.76
CA MET B 160 -18.49 -14.60 -3.58
C MET B 160 -18.22 -16.05 -4.01
N ASP B 161 -16.99 -16.31 -4.39
CA ASP B 161 -16.63 -17.67 -4.85
C ASP B 161 -16.79 -18.68 -3.72
N ILE B 162 -16.31 -18.32 -2.52
CA ILE B 162 -16.55 -19.22 -1.42
C ILE B 162 -18.05 -19.41 -1.09
N SER B 163 -18.80 -18.32 -1.13
CA SER B 163 -20.18 -18.38 -0.71
C SER B 163 -20.98 -19.26 -1.69
N LYS B 164 -20.63 -19.17 -2.98
CA LYS B 164 -21.42 -19.93 -3.98
C LYS B 164 -21.15 -21.43 -3.85
N LYS B 165 -19.97 -21.78 -3.39
CA LYS B 165 -19.58 -23.18 -3.24
C LYS B 165 -20.08 -23.78 -1.95
N GLU B 166 -20.09 -22.99 -0.88
CA GLU B 166 -20.25 -23.49 0.47
C GLU B 166 -21.51 -23.12 1.20
N MET B 167 -22.26 -22.13 0.71
CA MET B 167 -23.47 -21.73 1.41
C MET B 167 -24.70 -21.80 0.49
N PRO B 168 -25.89 -22.00 1.08
CA PRO B 168 -27.14 -22.02 0.30
C PRO B 168 -27.50 -20.62 -0.17
N PRO B 169 -28.24 -20.53 -1.27
CA PRO B 169 -28.49 -19.19 -1.82
C PRO B 169 -29.36 -18.26 -0.98
N THR B 170 -30.01 -18.77 0.06
CA THR B 170 -30.82 -17.95 0.94
C THR B 170 -30.01 -17.60 2.18
N ASN B 171 -28.77 -18.08 2.31
CA ASN B 171 -27.99 -17.81 3.56
CA ASN B 171 -27.99 -17.79 3.53
C ASN B 171 -27.86 -16.28 3.72
N PRO B 172 -28.25 -15.73 4.91
CA PRO B 172 -28.11 -14.23 5.12
C PRO B 172 -26.70 -13.69 4.91
N ILE B 173 -25.64 -14.40 5.29
CA ILE B 173 -24.31 -13.80 5.13
C ILE B 173 -24.05 -13.72 3.60
N ARG B 174 -24.42 -14.79 2.87
CA ARG B 174 -24.26 -14.74 1.43
C ARG B 174 -25.07 -13.63 0.79
N LEU B 175 -26.32 -13.47 1.24
CA LEU B 175 -27.13 -12.39 0.67
C LEU B 175 -26.61 -10.99 0.93
N GLY B 176 -26.09 -10.80 2.15
CA GLY B 176 -25.63 -9.47 2.52
C GLY B 176 -24.31 -9.16 1.80
N LEU B 177 -23.51 -10.18 1.54
CA LEU B 177 -22.29 -10.03 0.76
C LEU B 177 -22.61 -9.53 -0.70
N ALA B 178 -23.57 -10.21 -1.31
CA ALA B 178 -24.06 -9.81 -2.64
C ALA B 178 -24.62 -8.36 -2.60
N LEU B 179 -25.34 -8.02 -1.57
CA LEU B 179 -25.85 -6.65 -1.42
C LEU B 179 -24.73 -5.65 -1.46
N ASN B 180 -23.74 -5.82 -0.58
CA ASN B 180 -22.65 -4.86 -0.52
C ASN B 180 -21.79 -4.84 -1.76
N PHE B 181 -21.54 -6.01 -2.35
CA PHE B 181 -20.74 -6.08 -3.57
C PHE B 181 -21.46 -5.38 -4.74
N SER B 182 -22.78 -5.54 -4.79
CA SER B 182 -23.55 -4.84 -5.79
C SER B 182 -23.53 -3.30 -5.59
N VAL B 183 -23.68 -2.83 -4.35
CA VAL B 183 -23.45 -1.43 -4.04
C VAL B 183 -22.10 -0.92 -4.46
N PHE B 184 -21.05 -1.72 -4.25
CA PHE B 184 -19.68 -1.42 -4.65
C PHE B 184 -19.66 -1.21 -6.18
N HIS B 185 -20.23 -2.16 -6.90
CA HIS B 185 -20.25 -1.96 -8.39
C HIS B 185 -20.88 -0.65 -8.82
N TYR B 186 -22.05 -0.33 -8.27
CA TYR B 186 -22.79 0.79 -8.73
C TYR B 186 -22.18 2.12 -8.24
N GLU B 187 -21.86 2.18 -6.96
CA GLU B 187 -21.54 3.45 -6.34
C GLU B 187 -20.09 3.79 -6.47
N ILE B 188 -19.25 2.77 -6.54
CA ILE B 188 -17.80 2.95 -6.50
C ILE B 188 -17.11 2.69 -7.85
N ALA B 189 -17.41 1.53 -8.40
CA ALA B 189 -16.68 1.10 -9.59
C ALA B 189 -17.33 1.59 -10.88
N ASN B 190 -18.39 2.39 -10.77
CA ASN B 190 -19.19 2.89 -11.93
C ASN B 190 -19.47 1.76 -12.91
N SER B 191 -19.93 0.66 -12.38
CA SER B 191 -20.23 -0.51 -13.23
C SER B 191 -21.68 -0.84 -12.92
N PRO B 192 -22.60 -0.01 -13.40
CA PRO B 192 -24.02 -0.21 -13.12
C PRO B 192 -24.56 -1.57 -13.61
N GLU B 193 -24.02 -2.07 -14.73
CA GLU B 193 -24.49 -3.31 -15.31
C GLU B 193 -24.12 -4.47 -14.42
N GLU B 194 -22.90 -4.49 -13.88
CA GLU B 194 -22.46 -5.61 -13.00
C GLU B 194 -23.34 -5.56 -11.74
N ALA B 195 -23.64 -4.33 -11.27
CA ALA B 195 -24.40 -4.15 -10.00
C ALA B 195 -25.79 -4.76 -10.15
N ILE B 196 -26.43 -4.39 -11.26
CA ILE B 196 -27.79 -4.93 -11.55
C ILE B 196 -27.79 -6.44 -11.77
N SER B 197 -26.81 -6.93 -12.53
CA SER B 197 -26.69 -8.38 -12.80
C SER B 197 -26.52 -9.15 -11.51
N LEU B 198 -25.62 -8.66 -10.65
CA LEU B 198 -25.39 -9.42 -9.43
C LEU B 198 -26.65 -9.40 -8.55
N ALA B 199 -27.26 -8.22 -8.41
CA ALA B 199 -28.40 -8.11 -7.49
C ALA B 199 -29.57 -8.99 -7.97
N LYS B 200 -29.75 -8.98 -9.30
CA LYS B 200 -30.85 -9.73 -9.90
C LYS B 200 -30.63 -11.24 -9.77
N THR B 201 -29.44 -11.73 -10.10
CA THR B 201 -29.12 -13.13 -9.96
C THR B 201 -29.30 -13.60 -8.52
N THR B 202 -28.81 -12.77 -7.60
CA THR B 202 -28.90 -13.11 -6.18
C THR B 202 -30.35 -13.24 -5.73
N PHE B 203 -31.14 -12.25 -6.15
CA PHE B 203 -32.56 -12.25 -5.80
C PHE B 203 -33.28 -13.52 -6.33
N ASP B 204 -33.09 -13.82 -7.60
CA ASP B 204 -33.76 -14.98 -8.23
C ASP B 204 -33.37 -16.32 -7.59
N GLU B 205 -32.08 -16.45 -7.30
CA GLU B 205 -31.55 -17.73 -6.80
C GLU B 205 -32.05 -17.98 -5.34
N ALA B 206 -32.21 -16.88 -4.59
CA ALA B 206 -32.79 -16.97 -3.28
C ALA B 206 -34.29 -17.27 -3.36
N MET B 207 -34.99 -16.54 -4.22
CA MET B 207 -36.43 -16.77 -4.37
C MET B 207 -36.80 -18.26 -4.62
N ALA B 208 -35.97 -18.94 -5.42
CA ALA B 208 -36.19 -20.33 -5.76
C ALA B 208 -36.25 -21.22 -4.51
N ASP B 209 -35.52 -20.85 -3.42
CA ASP B 209 -35.44 -21.73 -2.22
C ASP B 209 -36.29 -21.28 -1.02
N LEU B 210 -37.03 -20.19 -1.18
CA LEU B 210 -37.76 -19.61 -0.01
C LEU B 210 -38.73 -20.63 0.56
N HIS B 211 -39.33 -21.43 -0.30
CA HIS B 211 -40.37 -22.39 0.16
C HIS B 211 -39.82 -23.43 1.09
N THR B 212 -38.50 -23.56 1.10
CA THR B 212 -37.84 -24.59 1.95
C THR B 212 -37.52 -24.13 3.37
N LEU B 213 -37.73 -22.85 3.64
CA LEU B 213 -37.27 -22.29 4.90
C LEU B 213 -38.33 -22.32 5.98
N SER B 214 -37.81 -22.36 7.20
CA SER B 214 -38.64 -22.05 8.40
C SER B 214 -39.13 -20.64 8.31
N GLU B 215 -40.20 -20.34 9.07
CA GLU B 215 -40.79 -18.98 9.16
C GLU B 215 -39.72 -17.89 9.50
N ASP B 216 -38.88 -18.18 10.48
CA ASP B 216 -37.83 -17.22 10.82
C ASP B 216 -36.76 -17.07 9.75
N SER B 217 -36.34 -18.16 9.13
CA SER B 217 -35.34 -18.04 8.07
C SER B 217 -35.93 -17.31 6.84
N TYR B 218 -37.20 -17.58 6.53
CA TYR B 218 -37.86 -16.90 5.43
C TYR B 218 -37.87 -15.37 5.69
N LYS B 219 -38.23 -14.96 6.90
CA LYS B 219 -38.14 -13.55 7.25
C LYS B 219 -36.72 -12.99 7.10
N ASP B 220 -35.69 -13.72 7.56
CA ASP B 220 -34.30 -13.20 7.47
C ASP B 220 -33.92 -13.00 5.99
N SER B 221 -34.28 -13.99 5.17
CA SER B 221 -33.83 -13.96 3.76
C SER B 221 -34.61 -12.90 3.00
N THR B 222 -35.93 -12.85 3.20
CA THR B 222 -36.74 -11.87 2.42
C THR B 222 -36.40 -10.46 2.85
N LEU B 223 -35.95 -10.29 4.10
CA LEU B 223 -35.53 -8.92 4.54
C LEU B 223 -34.38 -8.43 3.66
N ILE B 224 -33.40 -9.30 3.45
CA ILE B 224 -32.24 -8.87 2.68
C ILE B 224 -32.58 -8.83 1.20
N MET B 225 -33.44 -9.77 0.74
CA MET B 225 -33.89 -9.66 -0.61
C MET B 225 -34.55 -8.29 -0.85
N GLN B 226 -35.24 -7.77 0.16
CA GLN B 226 -35.95 -6.51 -0.07
C GLN B 226 -34.96 -5.37 -0.12
N LEU B 227 -33.81 -5.52 0.58
CA LEU B 227 -32.73 -4.52 0.38
C LEU B 227 -32.14 -4.54 -1.03
N LEU B 228 -31.97 -5.75 -1.60
CA LEU B 228 -31.53 -5.88 -3.00
C LEU B 228 -32.57 -5.24 -3.88
N ARG B 229 -33.83 -5.52 -3.56
CA ARG B 229 -34.93 -4.97 -4.37
C ARG B 229 -34.93 -3.44 -4.35
N ASP B 230 -34.73 -2.85 -3.16
CA ASP B 230 -34.76 -1.38 -3.07
C ASP B 230 -33.67 -0.80 -3.96
N ASN B 231 -32.49 -1.44 -3.98
CA ASN B 231 -31.43 -0.97 -4.85
C ASN B 231 -31.74 -1.14 -6.34
N LEU B 232 -32.28 -2.32 -6.74
CA LEU B 232 -32.66 -2.52 -8.16
C LEU B 232 -33.65 -1.43 -8.61
N THR B 233 -34.56 -1.08 -7.75
CA THR B 233 -35.58 -0.05 -8.10
C THR B 233 -34.91 1.32 -8.31
N LEU B 234 -33.94 1.65 -7.46
CA LEU B 234 -33.21 2.92 -7.58
C LEU B 234 -32.40 2.96 -8.84
N TRP B 235 -31.86 1.80 -9.25
CA TRP B 235 -30.94 1.74 -10.38
C TRP B 235 -31.61 1.46 -11.72
N THR B 236 -32.90 1.14 -11.70
CA THR B 236 -33.56 0.33 -12.77
C THR B 236 -34.95 0.83 -13.19
N ARG C 1 23.39 6.80 6.37
CA ARG C 1 24.82 7.22 6.33
C ARG C 1 25.62 6.54 5.23
N THR C 2 25.53 5.21 5.08
CA THR C 2 26.32 4.52 4.05
C THR C 2 25.72 4.85 2.65
N PRO C 3 26.57 5.23 1.69
CA PRO C 3 26.04 5.49 0.36
C PRO C 3 25.52 4.29 -0.49
N LEU C 5 23.78 3.01 -4.45
CA LEU C 5 24.18 3.17 -5.89
C LEU C 5 23.78 4.57 -6.43
N PRO C 6 24.76 5.32 -6.92
CA PRO C 6 24.39 6.69 -7.43
C PRO C 6 23.81 6.76 -8.84
N THR C 7 23.89 5.67 -9.57
CA THR C 7 23.38 5.56 -10.89
C THR C 7 22.05 4.80 -10.80
N THR D 2 -26.70 4.93 -2.33
CA THR D 2 -27.33 3.57 -2.26
C THR D 2 -26.96 2.92 -0.91
N PRO D 3 -27.96 2.39 -0.16
CA PRO D 3 -27.66 1.79 1.15
C PRO D 3 -27.03 0.41 1.07
N LEU D 5 -25.63 -3.02 3.59
CA LEU D 5 -26.20 -3.79 4.69
C LEU D 5 -26.23 -2.98 6.01
N PRO D 6 -27.41 -2.87 6.64
CA PRO D 6 -27.37 -2.13 7.94
C PRO D 6 -26.86 -3.01 9.12
N THR D 7 -27.12 -2.58 10.35
CA THR D 7 -26.70 -3.30 11.60
C THR D 7 -25.21 -3.62 11.69
#